data_4HMQ
#
_entry.id   4HMQ
#
_cell.length_a   76.102
_cell.length_b   84.272
_cell.length_c   93.776
_cell.angle_alpha   90.00
_cell.angle_beta   90.00
_cell.angle_gamma   90.00
#
_symmetry.space_group_name_H-M   'P 21 21 21'
#
loop_
_entity.id
_entity.type
_entity.pdbx_description
1 polymer 'Iron-compound ABC transporter, iron compound-binding protein'
2 non-polymer FERRICHROME
3 non-polymer 'CADMIUM ION'
4 non-polymer 'CHLORIDE ION'
5 non-polymer 1,2-ETHANEDIOL
6 non-polymer 'TRIETHYLENE GLYCOL'
7 water water
#
_entity_poly.entity_id   1
_entity_poly.type   'polypeptide(L)'
_entity_poly.pdbx_seq_one_letter_code
;MGHHHHHHMNSVKNEENTSKEHAPDKIVLDHAFGQTILDKKPERVATIAWGNHDVALALGIVPVGFSKANYGVSADKGVL
PWTEEKIKELNGKANLFDDLDGLNFEAISNSKPDVILAGYSGITKEDYDTLSKIAPVAAYKSKPWQTLWRDMIKIDSKAL
GMEKEGDELIKNTEARISKELEKHPEIKGKIKGKKVLFTMINAADTSKFWIYTSKDPRANYLTDLGLVFPESLKEFESED
SFAKEISAEEANKINDADVIITYGDDKTLEALQKDPLLGKINAIKNGAVAVIPDNTPLAASCTPTPLSINYTIEEYLNLL
GNACKNAK
;
_entity_poly.pdbx_strand_id   A,B
#
# COMPACT_ATOMS: atom_id res chain seq x y z
N LYS A 26 10.03 39.12 22.53
CA LYS A 26 11.24 38.66 21.78
C LYS A 26 10.99 37.33 21.07
N ILE A 27 11.27 37.29 19.78
CA ILE A 27 11.05 36.09 18.99
C ILE A 27 12.35 35.34 18.71
N VAL A 28 12.43 34.09 19.16
CA VAL A 28 13.61 33.28 18.94
C VAL A 28 13.32 32.17 17.93
N LEU A 29 14.11 32.12 16.86
CA LEU A 29 13.94 31.10 15.83
C LEU A 29 15.15 30.18 15.75
N ASP A 30 14.90 28.88 15.78
CA ASP A 30 15.95 27.88 15.61
C ASP A 30 15.85 27.23 14.21
N HIS A 31 16.95 27.28 13.48
CA HIS A 31 16.96 26.79 12.11
C HIS A 31 18.31 26.17 11.76
N ALA A 32 18.50 25.84 10.48
CA ALA A 32 19.68 25.09 10.04
C ALA A 32 21.00 25.83 10.25
N PHE A 33 20.94 27.15 10.38
CA PHE A 33 22.14 27.95 10.48
C PHE A 33 22.36 28.52 11.88
N GLY A 34 21.55 28.06 12.84
CA GLY A 34 21.68 28.52 14.21
C GLY A 34 20.41 29.16 14.77
N GLN A 35 20.53 30.40 15.20
CA GLN A 35 19.42 31.07 15.87
C GLN A 35 19.21 32.48 15.35
N THR A 36 17.97 32.84 15.06
CA THR A 36 17.62 34.21 14.69
C THR A 36 16.77 34.85 15.77
N ILE A 37 17.18 36.03 16.22
CA ILE A 37 16.44 36.76 17.24
C ILE A 37 15.78 37.98 16.64
N LEU A 38 14.48 38.13 16.89
CA LEU A 38 13.80 39.37 16.54
C LEU A 38 13.41 40.09 17.82
N ASP A 39 13.71 41.38 17.88
CA ASP A 39 13.46 42.16 19.09
C ASP A 39 11.97 42.37 19.31
N LYS A 40 11.22 42.36 18.21
CA LYS A 40 9.77 42.52 18.27
C LYS A 40 9.16 42.13 16.93
N LYS A 41 7.84 42.12 16.86
CA LYS A 41 7.15 41.84 15.60
C LYS A 41 7.67 42.75 14.50
N PRO A 42 8.06 42.17 13.35
CA PRO A 42 8.63 42.92 12.24
C PRO A 42 7.60 43.76 11.50
N GLU A 43 7.88 45.05 11.34
CA GLU A 43 6.95 45.95 10.65
C GLU A 43 6.97 45.70 9.15
N ARG A 44 8.16 45.59 8.58
CA ARG A 44 8.29 45.40 7.15
C ARG A 44 8.79 43.99 6.83
N VAL A 45 8.12 43.34 5.89
CA VAL A 45 8.37 41.94 5.62
C VAL A 45 8.81 41.69 4.17
N ALA A 46 10.01 41.13 4.04
CA ALA A 46 10.50 40.69 2.75
C ALA A 46 10.54 39.16 2.74
N THR A 47 10.38 38.57 1.56
CA THR A 47 10.53 37.14 1.43
C THR A 47 11.32 36.81 0.18
N ILE A 48 11.82 35.58 0.11
CA ILE A 48 12.57 35.10 -1.04
C ILE A 48 12.16 33.68 -1.38
N ALA A 49 12.52 33.23 -2.58
CA ALA A 49 12.21 31.86 -3.00
C ALA A 49 10.71 31.63 -3.18
N TRP A 50 10.31 30.36 -3.21
CA TRP A 50 8.92 30.00 -3.47
C TRP A 50 8.06 30.01 -2.20
N GLY A 51 6.79 30.37 -2.37
CA GLY A 51 5.78 30.12 -1.34
C GLY A 51 5.74 31.05 -0.15
N ASN A 52 6.89 31.50 0.33
CA ASN A 52 6.94 32.29 1.56
C ASN A 52 6.06 33.53 1.53
N HIS A 53 6.05 34.24 0.41
CA HIS A 53 5.25 35.45 0.29
C HIS A 53 3.76 35.16 0.47
N ASP A 54 3.35 33.94 0.14
CA ASP A 54 1.95 33.54 0.24
C ASP A 54 1.50 33.33 1.68
N VAL A 55 2.42 32.86 2.51
CA VAL A 55 2.15 32.72 3.93
C VAL A 55 1.89 34.10 4.54
N ALA A 56 2.74 35.05 4.19
CA ALA A 56 2.56 36.43 4.66
C ALA A 56 1.21 36.96 4.22
N LEU A 57 0.95 36.87 2.91
CA LEU A 57 -0.30 37.36 2.33
C LEU A 57 -1.50 36.69 2.99
N ALA A 58 -1.41 35.38 3.18
CA ALA A 58 -2.49 34.62 3.79
C ALA A 58 -2.78 35.11 5.19
N LEU A 59 -1.79 35.71 5.82
CA LEU A 59 -1.94 36.23 7.18
C LEU A 59 -2.22 37.72 7.17
N GLY A 60 -2.48 38.28 5.99
CA GLY A 60 -2.91 39.67 5.86
C GLY A 60 -1.77 40.67 5.70
N ILE A 61 -0.59 40.18 5.33
CA ILE A 61 0.58 41.04 5.23
C ILE A 61 1.10 41.15 3.80
N VAL A 62 1.14 42.37 3.27
CA VAL A 62 1.73 42.61 1.96
C VAL A 62 3.23 42.81 2.09
N PRO A 63 4.03 41.90 1.53
CA PRO A 63 5.48 42.05 1.63
C PRO A 63 5.95 43.34 0.97
N VAL A 64 6.97 43.97 1.55
CA VAL A 64 7.61 45.10 0.92
C VAL A 64 8.44 44.61 -0.26
N GLY A 65 8.57 43.29 -0.39
CA GLY A 65 9.28 42.69 -1.50
C GLY A 65 9.32 41.18 -1.43
N PHE A 66 9.18 40.53 -2.59
CA PHE A 66 9.24 39.08 -2.67
C PHE A 66 9.78 38.60 -4.01
N SER A 67 10.19 37.35 -4.07
CA SER A 67 10.83 36.84 -5.28
C SER A 67 9.88 36.78 -6.46
N LYS A 68 10.36 37.26 -7.60
CA LYS A 68 9.64 37.15 -8.85
C LYS A 68 9.42 35.68 -9.20
N ALA A 69 8.22 35.32 -9.60
CA ALA A 69 7.95 33.94 -9.96
C ALA A 69 8.77 33.52 -11.18
N ASN A 70 9.56 32.48 -11.02
CA ASN A 70 10.43 32.01 -12.10
C ASN A 70 9.82 30.83 -12.85
N TYR A 71 8.59 30.48 -12.52
CA TYR A 71 7.94 29.31 -13.11
C TYR A 71 6.42 29.42 -12.98
N GLY A 72 5.70 29.00 -14.03
CA GLY A 72 4.24 28.99 -13.99
C GLY A 72 3.60 30.22 -14.59
N VAL A 73 4.40 31.26 -14.84
CA VAL A 73 3.86 32.49 -15.41
C VAL A 73 4.95 33.25 -16.17
N SER A 74 4.52 34.09 -17.10
CA SER A 74 5.44 34.93 -17.86
C SER A 74 6.31 35.79 -16.95
N ALA A 75 7.61 35.83 -17.23
CA ALA A 75 8.54 36.66 -16.47
C ALA A 75 8.17 38.13 -16.59
N ASP A 76 7.55 38.48 -17.71
CA ASP A 76 7.03 39.82 -17.88
C ASP A 76 6.07 40.15 -16.74
N LYS A 77 5.30 39.15 -16.32
CA LYS A 77 4.33 39.35 -15.24
C LYS A 77 4.94 39.07 -13.87
N GLY A 78 5.51 37.87 -13.73
CA GLY A 78 6.32 37.55 -12.56
C GLY A 78 5.58 37.29 -11.26
N VAL A 79 4.27 37.14 -11.33
CA VAL A 79 3.49 36.84 -10.14
C VAL A 79 2.33 35.90 -10.47
N LEU A 80 2.14 34.89 -9.62
CA LEU A 80 1.12 33.88 -9.88
C LEU A 80 -0.27 34.40 -9.51
N PRO A 81 -1.30 33.85 -10.16
CA PRO A 81 -2.66 34.40 -10.09
C PRO A 81 -3.26 34.50 -8.68
N TRP A 82 -3.04 33.48 -7.85
CA TRP A 82 -3.60 33.50 -6.49
C TRP A 82 -2.91 34.54 -5.61
N THR A 83 -1.60 34.68 -5.80
CA THR A 83 -0.81 35.71 -5.11
C THR A 83 -1.25 37.10 -5.53
N GLU A 84 -1.41 37.30 -6.85
CA GLU A 84 -1.89 38.57 -7.38
C GLU A 84 -3.25 38.92 -6.79
N GLU A 85 -4.18 37.97 -6.85
CA GLU A 85 -5.53 38.15 -6.34
C GLU A 85 -5.56 38.58 -4.86
N LYS A 86 -4.73 37.94 -4.04
CA LYS A 86 -4.68 38.27 -2.63
C LYS A 86 -4.12 39.68 -2.40
N ILE A 87 -3.09 40.02 -3.17
CA ILE A 87 -2.49 41.34 -3.07
C ILE A 87 -3.53 42.43 -3.34
N LYS A 88 -4.33 42.24 -4.39
CA LYS A 88 -5.38 43.21 -4.73
C LYS A 88 -6.43 43.26 -3.64
N GLU A 89 -6.77 42.11 -3.07
CA GLU A 89 -7.77 42.06 -2.01
C GLU A 89 -7.29 42.82 -0.77
N LEU A 90 -5.96 42.98 -0.66
CA LEU A 90 -5.39 43.76 0.44
C LEU A 90 -5.07 45.19 0.00
N ASN A 91 -5.62 45.60 -1.14
CA ASN A 91 -5.40 46.96 -1.66
C ASN A 91 -3.91 47.28 -1.86
N GLY A 92 -3.09 46.25 -1.99
CA GLY A 92 -1.66 46.44 -2.13
C GLY A 92 -1.16 46.37 -3.56
N LYS A 93 0.15 46.36 -3.73
CA LYS A 93 0.76 46.12 -5.03
C LYS A 93 1.95 45.20 -4.88
N ALA A 94 2.31 44.53 -5.97
CA ALA A 94 3.41 43.57 -5.94
C ALA A 94 4.76 44.26 -6.14
N ASN A 95 5.64 44.13 -5.15
N ASN A 95 5.65 44.06 -5.18
CA ASN A 95 7.02 44.57 -5.33
CA ASN A 95 7.02 44.56 -5.27
C ASN A 95 7.92 43.35 -5.49
C ASN A 95 7.99 43.39 -5.47
N LEU A 96 8.37 43.14 -6.73
CA LEU A 96 9.14 41.94 -7.04
C LEU A 96 10.65 42.14 -7.04
N PHE A 97 11.37 41.26 -6.35
CA PHE A 97 12.81 41.20 -6.48
C PHE A 97 13.14 40.57 -7.83
N ASP A 98 13.84 41.30 -8.67
CA ASP A 98 14.31 40.75 -9.93
C ASP A 98 15.47 39.80 -9.63
N ASP A 99 15.13 38.56 -9.29
CA ASP A 99 16.14 37.59 -8.86
C ASP A 99 15.98 36.22 -9.52
N LEU A 100 15.59 36.21 -10.79
CA LEU A 100 15.38 34.94 -11.50
C LEU A 100 16.66 34.11 -11.53
N ASP A 101 17.80 34.77 -11.69
CA ASP A 101 19.09 34.07 -11.81
C ASP A 101 19.79 33.79 -10.49
N GLY A 102 19.21 34.26 -9.39
CA GLY A 102 19.84 34.12 -8.08
C GLY A 102 19.48 35.27 -7.18
N LEU A 103 19.75 35.13 -5.89
CA LEU A 103 19.41 36.16 -4.92
C LEU A 103 19.94 37.53 -5.31
N ASN A 104 19.07 38.52 -5.25
CA ASN A 104 19.44 39.90 -5.52
C ASN A 104 19.54 40.65 -4.20
N PHE A 105 20.73 40.68 -3.61
CA PHE A 105 20.92 41.26 -2.28
C PHE A 105 20.62 42.76 -2.24
N GLU A 106 20.98 43.47 -3.29
CA GLU A 106 20.69 44.91 -3.40
C GLU A 106 19.19 45.20 -3.34
N ALA A 107 18.40 44.42 -4.06
CA ALA A 107 16.97 44.61 -4.10
C ALA A 107 16.34 44.32 -2.74
N ILE A 108 16.79 43.26 -2.10
CA ILE A 108 16.31 42.90 -0.76
C ILE A 108 16.64 44.03 0.22
N SER A 109 17.89 44.49 0.17
CA SER A 109 18.32 45.60 1.00
C SER A 109 17.51 46.87 0.73
N ASN A 110 17.17 47.11 -0.54
CA ASN A 110 16.41 48.30 -0.89
C ASN A 110 14.98 48.29 -0.33
N SER A 111 14.45 47.10 -0.06
CA SER A 111 13.10 46.99 0.49
C SER A 111 13.05 47.33 1.98
N LYS A 112 14.21 47.45 2.60
CA LYS A 112 14.31 47.88 4.00
C LYS A 112 13.43 47.03 4.91
N PRO A 113 13.71 45.72 4.96
CA PRO A 113 12.87 44.80 5.71
C PRO A 113 13.26 44.71 7.18
N ASP A 114 12.31 44.29 8.01
CA ASP A 114 12.58 44.00 9.42
C ASP A 114 12.75 42.49 9.60
N VAL A 115 12.36 41.73 8.58
CA VAL A 115 12.54 40.29 8.57
C VAL A 115 12.54 39.77 7.15
N ILE A 116 13.25 38.67 6.93
CA ILE A 116 13.32 38.02 5.62
C ILE A 116 12.84 36.58 5.75
N LEU A 117 11.67 36.28 5.19
CA LEU A 117 11.12 34.93 5.27
C LEU A 117 11.74 34.00 4.23
N ALA A 118 12.42 32.97 4.71
CA ALA A 118 13.04 31.98 3.84
C ALA A 118 12.81 30.56 4.37
N GLY A 119 11.67 30.36 5.02
CA GLY A 119 11.34 29.07 5.63
C GLY A 119 11.41 27.93 4.63
N TYR A 120 10.97 28.21 3.42
CA TYR A 120 11.14 27.31 2.28
C TYR A 120 12.06 28.01 1.28
N SER A 121 13.28 27.51 1.16
CA SER A 121 14.27 28.13 0.29
C SER A 121 15.51 27.25 0.17
N GLY A 122 16.48 27.69 -0.61
CA GLY A 122 17.69 26.91 -0.83
C GLY A 122 18.95 27.69 -0.48
N ILE A 123 18.82 28.61 0.47
CA ILE A 123 19.93 29.49 0.80
C ILE A 123 21.12 28.73 1.37
N THR A 124 22.32 29.19 1.04
CA THR A 124 23.54 28.63 1.58
C THR A 124 23.94 29.36 2.86
N LYS A 125 25.01 28.89 3.49
CA LYS A 125 25.56 29.58 4.65
C LYS A 125 25.88 31.03 4.28
N GLU A 126 26.61 31.21 3.20
CA GLU A 126 26.98 32.55 2.78
C GLU A 126 25.76 33.42 2.50
N ASP A 127 24.76 32.86 1.85
CA ASP A 127 23.52 33.59 1.64
C ASP A 127 22.93 34.00 2.98
N TYR A 128 22.85 33.09 3.93
CA TYR A 128 22.30 33.39 5.24
C TYR A 128 23.08 34.49 5.95
N ASP A 129 24.39 34.41 5.90
CA ASP A 129 25.22 35.43 6.51
C ASP A 129 25.00 36.79 5.86
N THR A 130 24.91 36.82 4.54
CA THR A 130 24.73 38.07 3.82
C THR A 130 23.35 38.68 4.09
N LEU A 131 22.33 37.85 4.01
CA LEU A 131 20.95 38.28 4.29
C LEU A 131 20.82 38.81 5.72
N SER A 132 21.45 38.12 6.67
CA SER A 132 21.34 38.50 8.08
C SER A 132 21.89 39.90 8.36
N LYS A 133 22.78 40.39 7.50
CA LYS A 133 23.29 41.76 7.64
C LYS A 133 22.22 42.77 7.24
N ILE A 134 21.23 42.30 6.48
CA ILE A 134 20.12 43.16 6.08
C ILE A 134 19.01 43.14 7.14
N ALA A 135 18.63 41.93 7.56
CA ALA A 135 17.60 41.75 8.56
C ALA A 135 17.59 40.30 9.05
N PRO A 136 16.95 40.06 10.20
CA PRO A 136 16.79 38.70 10.72
C PRO A 136 16.20 37.77 9.67
N VAL A 137 16.75 36.56 9.57
CA VAL A 137 16.31 35.61 8.57
C VAL A 137 15.59 34.42 9.20
N ALA A 138 14.42 34.10 8.65
CA ALA A 138 13.73 32.87 9.03
C ALA A 138 14.11 31.81 8.00
N ALA A 139 15.02 30.94 8.38
CA ALA A 139 15.55 29.94 7.46
C ALA A 139 14.87 28.58 7.63
N TYR A 140 15.13 27.68 6.71
CA TYR A 140 14.61 26.31 6.80
C TYR A 140 15.26 25.57 7.96
N LYS A 141 14.55 24.58 8.47
CA LYS A 141 14.98 23.73 9.58
C LYS A 141 16.18 22.79 9.35
N SER A 142 16.21 22.14 8.18
CA SER A 142 17.24 21.12 7.92
C SER A 142 18.09 21.37 6.66
N LYS A 143 17.57 20.99 5.50
CA LYS A 143 18.33 21.10 4.26
C LYS A 143 17.59 21.94 3.24
N PRO A 144 18.34 22.51 2.29
CA PRO A 144 17.77 23.41 1.30
C PRO A 144 16.60 22.77 0.57
N TRP A 145 15.54 23.55 0.36
CA TRP A 145 14.39 23.12 -0.40
C TRP A 145 13.64 21.94 0.22
N GLN A 146 13.87 21.68 1.49
CA GLN A 146 13.22 20.58 2.15
C GLN A 146 12.33 21.03 3.29
N THR A 147 11.33 21.80 2.92
CA THR A 147 10.35 22.30 3.87
C THR A 147 8.94 21.98 3.36
N LEU A 148 8.22 21.16 4.11
CA LEU A 148 6.83 20.84 3.77
C LEU A 148 5.95 22.07 4.01
N TRP A 149 4.76 22.09 3.40
CA TRP A 149 3.94 23.30 3.43
C TRP A 149 3.50 23.73 4.83
N ARG A 150 3.19 22.76 5.69
CA ARG A 150 2.83 23.06 7.07
C ARG A 150 4.02 23.66 7.82
N ASP A 151 5.21 23.14 7.57
CA ASP A 151 6.41 23.65 8.22
C ASP A 151 6.77 25.04 7.67
N MET A 152 6.50 25.25 6.38
CA MET A 152 6.70 26.57 5.79
C MET A 152 5.88 27.62 6.56
N ILE A 153 4.60 27.31 6.79
CA ILE A 153 3.73 28.20 7.55
C ILE A 153 4.23 28.39 8.99
N LYS A 154 4.59 27.31 9.65
CA LYS A 154 5.02 27.40 11.05
C LYS A 154 6.28 28.25 11.21
N ILE A 155 7.25 28.06 10.33
CA ILE A 155 8.47 28.86 10.39
C ILE A 155 8.20 30.32 10.07
N ASP A 156 7.52 30.58 8.96
CA ASP A 156 7.26 31.95 8.53
C ASP A 156 6.30 32.69 9.47
N SER A 157 5.26 32.01 9.93
CA SER A 157 4.28 32.67 10.79
C SER A 157 4.89 33.04 12.15
N LYS A 158 5.80 32.20 12.64
CA LYS A 158 6.48 32.51 13.89
C LYS A 158 7.39 33.74 13.76
N ALA A 159 8.08 33.85 12.63
CA ALA A 159 8.97 34.97 12.39
C ALA A 159 8.20 36.28 12.26
N LEU A 160 6.93 36.18 11.91
CA LEU A 160 6.05 37.36 11.82
C LEU A 160 5.46 37.70 13.19
N GLY A 161 5.81 36.90 14.20
CA GLY A 161 5.23 37.05 15.53
C GLY A 161 3.77 36.66 15.50
N MET A 162 3.42 35.72 14.63
CA MET A 162 2.03 35.29 14.49
C MET A 162 1.88 33.78 14.55
N GLU A 163 2.65 33.13 15.42
CA GLU A 163 2.62 31.67 15.49
C GLU A 163 1.21 31.11 15.60
N LYS A 164 0.41 31.67 16.50
CA LYS A 164 -0.95 31.23 16.71
C LYS A 164 -1.80 31.36 15.45
N GLU A 165 -1.64 32.46 14.73
CA GLU A 165 -2.33 32.66 13.47
C GLU A 165 -1.88 31.62 12.46
N GLY A 166 -0.62 31.21 12.54
CA GLY A 166 -0.08 30.18 11.67
C GLY A 166 -0.72 28.82 11.91
N ASP A 167 -0.92 28.48 13.18
CA ASP A 167 -1.58 27.24 13.53
C ASP A 167 -2.99 27.23 12.97
N GLU A 168 -3.68 28.36 13.13
CA GLU A 168 -5.04 28.50 12.64
C GLU A 168 -5.08 28.40 11.12
N LEU A 169 -4.09 29.00 10.46
CA LEU A 169 -4.01 28.97 9.00
C LEU A 169 -3.85 27.53 8.52
N ILE A 170 -3.03 26.77 9.24
CA ILE A 170 -2.83 25.36 8.90
C ILE A 170 -4.14 24.57 9.00
N LYS A 171 -4.83 24.71 10.12
CA LYS A 171 -6.10 24.03 10.32
C LYS A 171 -7.13 24.39 9.23
N ASN A 172 -7.19 25.68 8.88
CA ASN A 172 -8.07 26.17 7.85
C ASN A 172 -7.71 25.63 6.45
N THR A 173 -6.43 25.47 6.20
CA THR A 173 -5.97 24.93 4.93
C THR A 173 -6.26 23.43 4.85
N GLU A 174 -6.12 22.76 5.97
CA GLU A 174 -6.44 21.36 6.07
C GLU A 174 -7.93 21.12 5.83
N ALA A 175 -8.73 22.00 6.35
CA ALA A 175 -10.18 21.91 6.19
C ALA A 175 -10.57 22.17 4.74
N ARG A 176 -9.86 23.07 4.08
CA ARG A 176 -10.10 23.35 2.68
C ARG A 176 -9.84 22.07 1.86
N ILE A 177 -8.74 21.40 2.17
CA ILE A 177 -8.38 20.15 1.51
C ILE A 177 -9.45 19.08 1.76
N SER A 178 -9.80 18.88 3.03
CA SER A 178 -10.81 17.89 3.40
C SER A 178 -12.13 18.16 2.71
N LYS A 179 -12.52 19.44 2.63
CA LYS A 179 -13.77 19.84 2.01
C LYS A 179 -13.84 19.43 0.54
N GLU A 180 -12.75 19.60 -0.20
CA GLU A 180 -12.74 19.24 -1.61
C GLU A 180 -12.86 17.73 -1.77
N LEU A 181 -12.11 16.99 -0.97
CA LEU A 181 -12.14 15.53 -1.01
C LEU A 181 -13.53 14.98 -0.67
N GLU A 182 -14.09 15.43 0.44
CA GLU A 182 -15.40 14.98 0.88
C GLU A 182 -16.47 15.31 -0.15
N LYS A 183 -16.32 16.47 -0.78
CA LYS A 183 -17.29 16.98 -1.75
C LYS A 183 -17.32 16.13 -3.02
N HIS A 184 -16.23 15.43 -3.32
CA HIS A 184 -16.14 14.59 -4.51
C HIS A 184 -15.70 13.17 -4.18
N PRO A 185 -16.61 12.35 -3.64
CA PRO A 185 -16.30 11.00 -3.19
C PRO A 185 -15.72 10.11 -4.30
N GLU A 186 -16.17 10.33 -5.53
CA GLU A 186 -15.70 9.48 -6.63
C GLU A 186 -14.23 9.77 -6.98
N ILE A 187 -13.79 11.01 -6.81
CA ILE A 187 -12.38 11.32 -6.97
C ILE A 187 -11.61 10.83 -5.75
N LYS A 188 -12.16 11.12 -4.57
CA LYS A 188 -11.54 10.72 -3.30
C LYS A 188 -11.28 9.22 -3.26
N GLY A 189 -12.30 8.43 -3.55
CA GLY A 189 -12.17 6.98 -3.56
C GLY A 189 -11.21 6.48 -4.62
N LYS A 190 -11.08 7.22 -5.71
CA LYS A 190 -10.26 6.78 -6.83
C LYS A 190 -8.76 6.89 -6.54
N ILE A 191 -8.36 7.97 -5.87
CA ILE A 191 -6.95 8.22 -5.61
C ILE A 191 -6.51 7.69 -4.24
N LYS A 192 -7.47 7.40 -3.37
CA LYS A 192 -7.17 6.93 -2.02
C LYS A 192 -6.28 5.69 -2.03
N GLY A 193 -5.11 5.81 -1.42
CA GLY A 193 -4.22 4.67 -1.25
C GLY A 193 -3.41 4.29 -2.48
N LYS A 194 -3.56 5.05 -3.55
CA LYS A 194 -2.75 4.82 -4.75
C LYS A 194 -1.30 5.23 -4.47
N LYS A 195 -0.36 4.33 -4.76
CA LYS A 195 1.05 4.63 -4.57
C LYS A 195 1.54 5.52 -5.70
N VAL A 196 2.11 6.68 -5.35
CA VAL A 196 2.41 7.70 -6.33
C VAL A 196 3.84 8.23 -6.23
N LEU A 197 4.40 8.62 -7.38
CA LEU A 197 5.67 9.30 -7.43
C LEU A 197 5.56 10.57 -8.26
N PHE A 198 6.16 11.65 -7.77
CA PHE A 198 6.26 12.85 -8.56
C PHE A 198 7.63 12.83 -9.24
N THR A 199 7.65 13.10 -10.53
CA THR A 199 8.89 13.07 -11.30
C THR A 199 9.04 14.31 -12.17
N MET A 200 10.27 14.57 -12.60
CA MET A 200 10.51 15.53 -13.67
C MET A 200 11.21 14.82 -14.81
N ILE A 201 10.58 14.84 -15.98
CA ILE A 201 11.09 14.12 -17.13
C ILE A 201 11.35 15.07 -18.30
N ASN A 202 12.60 15.08 -18.76
CA ASN A 202 12.97 15.86 -19.93
C ASN A 202 12.67 15.06 -21.20
N ALA A 203 11.72 15.50 -21.95
CA ALA A 203 11.27 14.80 -23.11
C ALA A 203 12.38 14.70 -24.12
N ALA A 204 13.34 15.58 -24.04
CA ALA A 204 14.45 15.61 -24.97
C ALA A 204 15.53 14.61 -24.59
N ASP A 205 15.48 14.13 -23.35
CA ASP A 205 16.47 13.18 -22.86
C ASP A 205 15.87 12.26 -21.78
N THR A 206 15.36 11.11 -22.20
CA THR A 206 14.73 10.18 -21.27
C THR A 206 15.68 9.11 -20.72
N SER A 207 16.97 9.25 -21.01
CA SER A 207 17.95 8.28 -20.50
C SER A 207 18.13 8.42 -18.99
N LYS A 208 17.61 9.52 -18.45
CA LYS A 208 17.55 9.74 -17.01
C LYS A 208 16.42 10.71 -16.66
N PHE A 209 15.95 10.65 -15.43
CA PHE A 209 14.89 11.57 -14.98
C PHE A 209 14.96 11.79 -13.47
N TRP A 210 14.25 12.80 -12.99
CA TRP A 210 14.24 13.14 -11.58
C TRP A 210 13.06 12.51 -10.83
N ILE A 211 13.32 12.02 -9.63
CA ILE A 211 12.25 11.63 -8.72
C ILE A 211 12.33 12.48 -7.46
N TYR A 212 11.20 13.08 -7.07
CA TYR A 212 11.17 13.93 -5.88
C TYR A 212 11.03 13.09 -4.62
N THR A 213 11.83 13.40 -3.60
CA THR A 213 11.83 12.63 -2.36
C THR A 213 10.64 13.00 -1.48
N SER A 214 10.39 12.20 -0.46
CA SER A 214 9.27 12.41 0.45
C SER A 214 9.42 13.69 1.26
N LYS A 215 10.61 14.29 1.23
CA LYS A 215 10.90 15.50 1.99
C LYS A 215 10.65 16.76 1.15
N ASP A 216 10.34 16.55 -0.12
CA ASP A 216 9.97 17.65 -1.01
C ASP A 216 8.48 17.92 -0.88
N PRO A 217 8.10 19.20 -0.74
CA PRO A 217 6.72 19.59 -0.48
C PRO A 217 5.72 19.14 -1.55
N ARG A 218 6.16 19.05 -2.80
CA ARG A 218 5.25 18.66 -3.88
C ARG A 218 4.96 17.16 -3.85
N ALA A 219 5.94 16.38 -3.42
CA ALA A 219 5.73 14.95 -3.21
C ALA A 219 4.86 14.70 -1.99
N ASN A 220 5.10 15.44 -0.92
CA ASN A 220 4.38 15.23 0.34
C ASN A 220 2.92 15.68 0.28
N TYR A 221 2.65 16.74 -0.48
CA TYR A 221 1.29 17.26 -0.65
C TYR A 221 0.36 16.15 -1.13
N LEU A 222 0.89 15.29 -2.00
CA LEU A 222 0.11 14.17 -2.51
C LEU A 222 -0.47 13.30 -1.40
N THR A 223 0.27 13.14 -0.30
CA THR A 223 -0.22 12.35 0.83
C THR A 223 -1.37 13.05 1.55
N ASP A 224 -1.38 14.38 1.52
CA ASP A 224 -2.51 15.15 2.05
C ASP A 224 -3.78 14.88 1.25
N LEU A 225 -3.61 14.43 0.02
CA LEU A 225 -4.75 14.19 -0.85
C LEU A 225 -5.24 12.74 -0.77
N GLY A 226 -4.52 11.92 0.00
CA GLY A 226 -4.94 10.54 0.22
C GLY A 226 -4.09 9.51 -0.49
N LEU A 227 -3.22 9.97 -1.39
CA LEU A 227 -2.29 9.05 -2.06
C LEU A 227 -1.18 8.69 -1.07
N VAL A 228 -0.44 7.63 -1.38
CA VAL A 228 0.69 7.23 -0.53
C VAL A 228 1.96 7.03 -1.36
N PHE A 229 3.10 6.97 -0.70
CA PHE A 229 4.37 6.71 -1.39
C PHE A 229 4.55 5.22 -1.59
N PRO A 230 5.18 4.83 -2.70
CA PRO A 230 5.55 3.43 -2.90
C PRO A 230 6.73 3.04 -2.02
N GLU A 231 6.91 1.74 -1.80
CA GLU A 231 8.03 1.24 -1.01
C GLU A 231 9.37 1.74 -1.53
N SER A 232 9.51 1.83 -2.84
CA SER A 232 10.78 2.21 -3.47
C SER A 232 11.26 3.62 -3.07
N LEU A 233 10.34 4.48 -2.62
CA LEU A 233 10.73 5.83 -2.24
C LEU A 233 11.73 5.82 -1.09
N LYS A 234 11.61 4.83 -0.20
CA LYS A 234 12.48 4.82 0.96
C LYS A 234 13.91 4.80 0.46
N GLU A 235 14.14 4.12 -0.65
CA GLU A 235 15.48 3.93 -1.19
C GLU A 235 16.13 5.28 -1.35
N PHE A 236 15.33 6.34 -1.27
CA PHE A 236 15.84 7.70 -1.46
C PHE A 236 15.89 8.48 -0.16
N GLU A 237 15.50 7.83 0.93
CA GLU A 237 15.56 8.46 2.23
C GLU A 237 16.97 9.02 2.46
N SER A 238 17.98 8.35 1.90
CA SER A 238 19.37 8.72 2.12
C SER A 238 19.86 9.86 1.23
N GLU A 239 19.08 10.18 0.20
CA GLU A 239 19.43 11.30 -0.66
C GLU A 239 19.50 12.59 0.15
N ASP A 240 20.55 13.38 -0.07
CA ASP A 240 20.73 14.66 0.63
C ASP A 240 19.89 15.76 -0.02
N SER A 241 19.63 15.61 -1.32
CA SER A 241 18.89 16.62 -2.08
C SER A 241 17.37 16.40 -2.01
N PHE A 242 16.62 17.36 -2.53
CA PHE A 242 15.15 17.28 -2.52
C PHE A 242 14.65 16.37 -3.63
N ALA A 243 15.54 16.06 -4.56
CA ALA A 243 15.21 15.19 -5.68
C ALA A 243 16.46 14.40 -6.09
N LYS A 244 16.24 13.25 -6.72
CA LYS A 244 17.31 12.38 -7.16
C LYS A 244 17.17 12.06 -8.64
N GLU A 245 18.23 12.25 -9.41
CA GLU A 245 18.20 11.91 -10.83
C GLU A 245 18.64 10.47 -11.01
N ILE A 246 17.80 9.66 -11.66
CA ILE A 246 18.17 8.26 -11.89
C ILE A 246 18.14 7.87 -13.37
N SER A 247 18.86 6.80 -13.67
CA SER A 247 19.00 6.31 -15.04
C SER A 247 17.79 5.49 -15.48
N ALA A 248 17.38 5.67 -16.74
CA ALA A 248 16.28 4.90 -17.29
C ALA A 248 16.58 3.40 -17.22
N GLU A 249 17.86 3.06 -17.25
CA GLU A 249 18.30 1.68 -17.10
C GLU A 249 17.92 1.13 -15.72
N GLU A 250 17.68 2.03 -14.78
CA GLU A 250 17.34 1.66 -13.41
C GLU A 250 15.87 1.90 -13.12
N ALA A 251 15.11 2.29 -14.13
CA ALA A 251 13.73 2.71 -13.91
C ALA A 251 12.83 1.61 -13.39
N ASN A 252 13.24 0.37 -13.59
CA ASN A 252 12.50 -0.77 -13.09
C ASN A 252 12.19 -0.57 -11.61
N LYS A 253 13.07 0.15 -10.93
CA LYS A 253 12.94 0.45 -9.50
C LYS A 253 11.56 1.02 -9.14
N ILE A 254 10.96 1.79 -10.04
CA ILE A 254 9.71 2.46 -9.72
C ILE A 254 8.47 1.77 -10.30
N ASN A 255 8.60 0.47 -10.56
CA ASN A 255 7.48 -0.34 -11.03
C ASN A 255 6.41 -0.55 -9.96
N ASP A 256 6.71 -0.19 -8.72
CA ASP A 256 5.76 -0.37 -7.63
C ASP A 256 4.81 0.81 -7.47
N ALA A 257 5.03 1.87 -8.24
CA ALA A 257 4.10 2.99 -8.25
C ALA A 257 2.85 2.62 -9.06
N ASP A 258 1.68 2.99 -8.53
CA ASP A 258 0.41 2.80 -9.23
C ASP A 258 0.21 3.92 -10.23
N VAL A 259 0.66 5.11 -9.86
CA VAL A 259 0.49 6.31 -10.66
C VAL A 259 1.73 7.18 -10.59
N ILE A 260 1.99 7.89 -11.69
CA ILE A 260 3.14 8.78 -11.77
C ILE A 260 2.70 10.17 -12.21
N ILE A 261 3.26 11.19 -11.56
CA ILE A 261 2.96 12.57 -11.90
C ILE A 261 4.21 13.23 -12.46
N THR A 262 4.04 13.95 -13.57
CA THR A 262 5.17 14.62 -14.19
C THR A 262 4.72 15.92 -14.88
N TYR A 263 5.63 16.89 -14.97
CA TYR A 263 5.39 18.09 -15.75
C TYR A 263 5.47 17.73 -17.23
N GLY A 264 4.67 18.38 -18.06
CA GLY A 264 4.73 18.09 -19.49
C GLY A 264 3.65 18.76 -20.31
N ASP A 265 3.30 18.11 -21.41
CA ASP A 265 2.35 18.69 -22.36
C ASP A 265 1.59 17.63 -23.12
N ASP A 266 0.99 18.03 -24.23
CA ASP A 266 0.13 17.22 -25.04
C ASP A 266 0.80 15.89 -25.54
N LYS A 267 2.10 15.89 -25.79
CA LYS A 267 2.80 14.74 -26.34
C LYS A 267 3.47 13.84 -25.29
N THR A 268 3.52 14.29 -24.05
CA THR A 268 4.29 13.60 -23.01
C THR A 268 3.92 12.13 -22.80
N LEU A 269 2.65 11.84 -22.56
CA LEU A 269 2.23 10.47 -22.27
C LEU A 269 2.59 9.49 -23.39
N GLU A 270 2.29 9.87 -24.63
CA GLU A 270 2.57 9.01 -25.77
C GLU A 270 4.07 8.78 -25.97
N ALA A 271 4.85 9.85 -25.87
CA ALA A 271 6.29 9.75 -26.00
C ALA A 271 6.83 8.77 -24.94
N LEU A 272 6.27 8.85 -23.74
CA LEU A 272 6.67 7.96 -22.65
C LEU A 272 6.29 6.51 -22.96
N GLN A 273 5.06 6.30 -23.42
CA GLN A 273 4.58 4.94 -23.67
C GLN A 273 5.32 4.27 -24.83
N LYS A 274 5.90 5.08 -25.70
CA LYS A 274 6.65 4.59 -26.85
C LYS A 274 8.15 4.43 -26.55
N ASP A 275 8.57 4.91 -25.37
CA ASP A 275 9.97 4.85 -24.98
C ASP A 275 10.40 3.42 -24.64
N PRO A 276 11.46 2.93 -25.30
CA PRO A 276 11.87 1.52 -25.17
C PRO A 276 12.18 1.10 -23.73
N LEU A 277 12.53 2.06 -22.87
CA LEU A 277 12.80 1.75 -21.47
C LEU A 277 11.68 2.24 -20.54
N LEU A 278 11.28 3.50 -20.69
CA LEU A 278 10.29 4.08 -19.80
C LEU A 278 8.89 3.54 -20.09
N GLY A 279 8.67 3.10 -21.33
CA GLY A 279 7.39 2.54 -21.73
C GLY A 279 7.07 1.22 -21.05
N LYS A 280 8.08 0.54 -20.53
CA LYS A 280 7.93 -0.71 -19.79
C LYS A 280 7.52 -0.56 -18.31
N ILE A 281 7.61 0.65 -17.78
CA ILE A 281 7.20 0.89 -16.41
C ILE A 281 5.68 0.72 -16.26
N ASN A 282 5.27 -0.01 -15.23
CA ASN A 282 3.86 -0.35 -15.02
C ASN A 282 2.91 0.84 -15.18
N ALA A 283 3.12 1.87 -14.38
CA ALA A 283 2.24 3.03 -14.37
C ALA A 283 2.20 3.73 -15.73
N ILE A 284 3.36 3.81 -16.39
CA ILE A 284 3.41 4.45 -17.71
C ILE A 284 2.70 3.57 -18.72
N LYS A 285 2.99 2.28 -18.70
CA LYS A 285 2.35 1.32 -19.58
C LYS A 285 0.83 1.32 -19.39
N ASN A 286 0.38 1.51 -18.14
CA ASN A 286 -1.05 1.51 -17.83
C ASN A 286 -1.73 2.83 -18.17
N GLY A 287 -0.92 3.84 -18.51
CA GLY A 287 -1.47 5.16 -18.78
C GLY A 287 -1.84 5.89 -17.50
N ALA A 288 -1.40 5.35 -16.37
CA ALA A 288 -1.64 5.98 -15.08
C ALA A 288 -0.59 7.06 -14.83
N VAL A 289 -0.65 8.12 -15.64
CA VAL A 289 0.28 9.23 -15.52
C VAL A 289 -0.50 10.53 -15.53
N ALA A 290 -0.24 11.37 -14.53
CA ALA A 290 -0.85 12.69 -14.50
C ALA A 290 0.16 13.69 -15.05
N VAL A 291 -0.13 14.22 -16.24
CA VAL A 291 0.73 15.22 -16.86
C VAL A 291 0.24 16.62 -16.50
N ILE A 292 1.06 17.34 -15.72
CA ILE A 292 0.74 18.71 -15.36
C ILE A 292 1.27 19.66 -16.42
N PRO A 293 0.38 20.43 -17.05
CA PRO A 293 0.85 21.37 -18.08
C PRO A 293 2.07 22.16 -17.63
N ASP A 294 3.18 21.98 -18.34
CA ASP A 294 4.45 22.60 -17.97
C ASP A 294 4.36 24.12 -17.97
N ASN A 295 5.00 24.74 -16.98
N ASN A 295 4.98 24.75 -16.98
CA ASN A 295 5.11 26.19 -16.89
CA ASN A 295 5.10 26.21 -16.96
C ASN A 295 3.76 26.92 -16.86
C ASN A 295 3.77 26.96 -16.83
N THR A 296 2.79 26.33 -16.19
CA THR A 296 1.51 26.98 -15.97
C THR A 296 1.33 27.21 -14.47
N PRO A 297 0.30 27.99 -14.09
CA PRO A 297 -0.01 28.17 -12.68
C PRO A 297 -0.24 26.83 -11.97
N LEU A 298 -0.97 25.92 -12.62
CA LEU A 298 -1.21 24.61 -12.03
C LEU A 298 0.12 23.92 -11.72
N ALA A 299 1.04 23.95 -12.68
CA ALA A 299 2.36 23.36 -12.47
C ALA A 299 3.04 23.97 -11.24
N ALA A 300 3.02 25.30 -11.16
CA ALA A 300 3.66 26.00 -10.06
C ALA A 300 3.04 25.65 -8.72
N SER A 301 1.73 25.42 -8.70
CA SER A 301 0.99 25.18 -7.47
C SER A 301 1.37 23.85 -6.81
N CYS A 302 1.99 22.96 -7.57
CA CYS A 302 2.36 21.63 -7.08
C CYS A 302 3.25 21.68 -5.84
N THR A 303 3.98 22.78 -5.67
CA THR A 303 4.58 23.11 -4.38
C THR A 303 3.58 24.04 -3.72
N PRO A 304 2.74 23.50 -2.83
CA PRO A 304 1.54 24.18 -2.39
C PRO A 304 1.77 25.29 -1.36
N THR A 305 0.92 26.30 -1.42
CA THR A 305 0.87 27.35 -0.41
C THR A 305 -0.59 27.45 0.04
N PRO A 306 -0.83 28.13 1.18
CA PRO A 306 -2.21 28.27 1.61
C PRO A 306 -3.08 28.95 0.54
N LEU A 307 -2.48 29.81 -0.29
CA LEU A 307 -3.23 30.48 -1.33
C LEU A 307 -3.40 29.63 -2.60
N SER A 308 -2.37 28.88 -2.97
CA SER A 308 -2.42 28.07 -4.18
C SER A 308 -3.42 26.93 -4.07
N ILE A 309 -3.51 26.34 -2.87
CA ILE A 309 -4.41 25.22 -2.63
C ILE A 309 -5.86 25.60 -2.91
N ASN A 310 -6.33 26.67 -2.26
CA ASN A 310 -7.68 27.16 -2.50
C ASN A 310 -7.96 27.34 -3.99
N TYR A 311 -6.96 27.81 -4.72
CA TYR A 311 -7.12 28.22 -6.11
C TYR A 311 -7.12 27.06 -7.10
N THR A 312 -6.41 25.99 -6.78
CA THR A 312 -6.10 24.96 -7.77
C THR A 312 -6.49 23.53 -7.37
N ILE A 313 -6.89 23.32 -6.13
CA ILE A 313 -7.07 21.95 -5.65
C ILE A 313 -8.08 21.13 -6.46
N GLU A 314 -9.22 21.74 -6.81
CA GLU A 314 -10.21 21.01 -7.60
C GLU A 314 -9.65 20.57 -8.95
N GLU A 315 -8.96 21.50 -9.61
CA GLU A 315 -8.34 21.22 -10.90
C GLU A 315 -7.30 20.09 -10.75
N TYR A 316 -6.47 20.21 -9.72
CA TYR A 316 -5.43 19.21 -9.44
C TYR A 316 -6.04 17.84 -9.16
N LEU A 317 -7.05 17.80 -8.30
CA LEU A 317 -7.69 16.53 -7.98
C LEU A 317 -8.29 15.86 -9.21
N ASN A 318 -8.84 16.66 -10.13
CA ASN A 318 -9.41 16.11 -11.34
C ASN A 318 -8.38 15.45 -12.23
N LEU A 319 -7.19 16.04 -12.33
CA LEU A 319 -6.10 15.44 -13.07
C LEU A 319 -5.61 14.17 -12.38
N LEU A 320 -5.49 14.23 -11.07
CA LEU A 320 -5.02 13.08 -10.31
C LEU A 320 -6.03 11.94 -10.43
N GLY A 321 -7.30 12.26 -10.27
CA GLY A 321 -8.37 11.27 -10.36
C GLY A 321 -8.45 10.57 -11.69
N ASN A 322 -8.28 11.33 -12.77
CA ASN A 322 -8.31 10.75 -14.11
C ASN A 322 -7.13 9.81 -14.34
N ALA A 323 -5.96 10.19 -13.85
CA ALA A 323 -4.79 9.33 -13.96
C ALA A 323 -4.95 8.06 -13.13
N CYS A 324 -5.45 8.19 -11.91
CA CYS A 324 -5.63 7.03 -11.05
C CYS A 324 -6.66 6.06 -11.61
N LYS A 325 -7.55 6.56 -12.45
CA LYS A 325 -8.53 5.73 -13.14
C LYS A 325 -7.82 4.61 -13.89
N ASN A 326 -6.61 4.89 -14.38
CA ASN A 326 -5.88 3.95 -15.23
C ASN A 326 -4.97 3.01 -14.46
N ALA A 327 -4.86 3.21 -13.15
CA ALA A 327 -4.06 2.32 -12.32
C ALA A 327 -4.70 0.94 -12.31
N LYS A 328 -3.92 -0.09 -12.61
CA LYS A 328 -4.44 -1.45 -12.67
C LYS A 328 -4.17 -2.23 -11.40
N LYS B 26 -0.59 -7.84 30.11
CA LYS B 26 0.10 -8.11 28.81
C LYS B 26 -0.53 -9.31 28.10
N ILE B 27 -0.33 -9.37 26.80
CA ILE B 27 -0.75 -10.51 26.00
C ILE B 27 0.47 -11.38 25.71
N VAL B 28 0.41 -12.63 26.12
CA VAL B 28 1.56 -13.52 26.01
C VAL B 28 1.31 -14.62 24.99
N LEU B 29 2.18 -14.69 23.98
CA LEU B 29 2.04 -15.69 22.92
C LEU B 29 3.24 -16.61 22.88
N ASP B 30 2.98 -17.92 22.95
CA ASP B 30 4.02 -18.93 22.83
C ASP B 30 3.93 -19.59 21.47
N HIS B 31 5.04 -19.63 20.74
CA HIS B 31 5.04 -20.17 19.39
C HIS B 31 6.37 -20.81 19.04
N ALA B 32 6.56 -21.09 17.75
CA ALA B 32 7.72 -21.84 17.30
C ALA B 32 9.04 -21.08 17.47
N PHE B 33 8.96 -19.76 17.55
CA PHE B 33 10.17 -18.96 17.69
C PHE B 33 10.34 -18.37 19.09
N GLY B 34 9.60 -18.92 20.04
CA GLY B 34 9.67 -18.45 21.43
C GLY B 34 8.40 -17.75 21.88
N GLN B 35 8.57 -16.53 22.38
CA GLN B 35 7.45 -15.83 23.01
C GLN B 35 7.28 -14.43 22.44
N THR B 36 6.04 -14.04 22.20
CA THR B 36 5.73 -12.68 21.79
C THR B 36 4.91 -12.00 22.89
N ILE B 37 5.29 -10.76 23.22
CA ILE B 37 4.60 -10.00 24.23
C ILE B 37 4.00 -8.74 23.65
N LEU B 38 2.71 -8.53 23.88
CA LEU B 38 2.05 -7.28 23.54
C LEU B 38 1.67 -6.58 24.83
N ASP B 39 1.92 -5.32 24.91
CA ASP B 39 1.58 -4.52 26.08
C ASP B 39 0.09 -4.26 26.25
N LYS B 40 -0.60 -4.20 25.14
CA LYS B 40 -2.04 -3.95 25.14
C LYS B 40 -2.63 -4.41 23.83
N LYS B 41 -3.96 -4.48 23.78
CA LYS B 41 -4.66 -4.80 22.55
C LYS B 41 -4.13 -3.95 21.41
N PRO B 42 -3.66 -4.59 20.33
CA PRO B 42 -3.10 -3.86 19.18
C PRO B 42 -4.16 -3.06 18.45
N GLU B 43 -3.87 -1.82 18.17
CA GLU B 43 -4.83 -0.99 17.47
C GLU B 43 -4.76 -1.20 15.96
N ARG B 44 -3.60 -1.14 15.41
CA ARG B 44 -3.46 -1.37 13.97
C ARG B 44 -3.01 -2.79 13.70
N VAL B 45 -3.74 -3.49 12.83
CA VAL B 45 -3.54 -4.91 12.61
C VAL B 45 -3.08 -5.21 11.18
N ALA B 46 -1.89 -5.82 11.07
CA ALA B 46 -1.38 -6.28 9.78
C ALA B 46 -1.29 -7.79 9.78
N THR B 47 -1.47 -8.40 8.62
CA THR B 47 -1.35 -9.85 8.49
C THR B 47 -0.54 -10.21 7.26
N ILE B 48 0.01 -11.41 7.24
CA ILE B 48 0.76 -11.91 6.08
C ILE B 48 0.31 -13.32 5.73
N ALA B 49 0.72 -13.79 4.55
CA ALA B 49 0.46 -15.17 4.14
C ALA B 49 -1.03 -15.45 3.93
N TRP B 50 -1.42 -16.72 4.05
CA TRP B 50 -2.80 -17.11 3.78
C TRP B 50 -3.72 -17.04 5.00
N GLY B 51 -4.98 -16.67 4.76
CA GLY B 51 -6.05 -16.84 5.74
C GLY B 51 -6.12 -15.86 6.89
N ASN B 52 -4.97 -15.44 7.42
CA ASN B 52 -4.92 -14.67 8.67
C ASN B 52 -5.79 -13.42 8.65
N HIS B 53 -5.82 -12.74 7.51
CA HIS B 53 -6.61 -11.52 7.36
C HIS B 53 -8.11 -11.81 7.52
N ASP B 54 -8.53 -13.03 7.16
CA ASP B 54 -9.93 -13.41 7.27
C ASP B 54 -10.35 -13.57 8.72
N VAL B 55 -9.41 -13.97 9.57
CA VAL B 55 -9.69 -14.10 11.00
C VAL B 55 -9.92 -12.72 11.62
N ALA B 56 -9.08 -11.76 11.25
CA ALA B 56 -9.28 -10.39 11.70
C ALA B 56 -10.61 -9.86 11.20
N LEU B 57 -10.89 -10.07 9.91
CA LEU B 57 -12.13 -9.59 9.30
C LEU B 57 -13.36 -10.21 9.96
N ALA B 58 -13.30 -11.52 10.21
CA ALA B 58 -14.42 -12.23 10.83
C ALA B 58 -14.67 -11.74 12.26
N LEU B 59 -13.65 -11.15 12.87
CA LEU B 59 -13.79 -10.60 14.22
C LEU B 59 -14.07 -9.10 14.19
N GLY B 60 -14.38 -8.57 13.01
CA GLY B 60 -14.77 -7.16 12.88
C GLY B 60 -13.62 -6.18 12.69
N ILE B 61 -12.45 -6.67 12.33
CA ILE B 61 -11.29 -5.80 12.16
C ILE B 61 -10.76 -5.78 10.72
N VAL B 62 -10.71 -4.58 10.15
CA VAL B 62 -10.12 -4.38 8.85
C VAL B 62 -8.61 -4.21 8.99
N PRO B 63 -7.83 -5.18 8.51
CA PRO B 63 -6.38 -5.07 8.66
C PRO B 63 -5.87 -3.79 8.00
N VAL B 64 -4.86 -3.16 8.58
CA VAL B 64 -4.25 -2.00 7.94
C VAL B 64 -3.42 -2.44 6.73
N GLY B 65 -3.27 -3.75 6.57
CA GLY B 65 -2.59 -4.31 5.41
C GLY B 65 -2.54 -5.82 5.49
N PHE B 66 -2.73 -6.48 4.36
CA PHE B 66 -2.61 -7.94 4.30
C PHE B 66 -2.08 -8.41 2.94
N SER B 67 -1.64 -9.67 2.89
CA SER B 67 -0.99 -10.19 1.68
C SER B 67 -1.94 -10.26 0.49
N LYS B 68 -1.43 -9.87 -0.68
CA LYS B 68 -2.19 -9.95 -1.91
C LYS B 68 -2.46 -11.41 -2.26
N ALA B 69 -3.68 -11.70 -2.68
CA ALA B 69 -4.03 -13.05 -3.10
C ALA B 69 -3.18 -13.42 -4.29
N ASN B 70 -2.26 -14.37 -4.08
CA ASN B 70 -1.36 -14.82 -5.12
C ASN B 70 -1.88 -16.07 -5.82
N TYR B 71 -3.12 -16.45 -5.48
CA TYR B 71 -3.70 -17.67 -6.03
C TYR B 71 -5.23 -17.63 -5.97
N GLY B 72 -5.87 -17.97 -7.09
CA GLY B 72 -7.32 -18.04 -7.19
C GLY B 72 -8.09 -16.78 -7.56
N VAL B 73 -7.39 -15.75 -8.02
CA VAL B 73 -8.05 -14.47 -8.29
C VAL B 73 -8.20 -14.13 -9.77
N SER B 74 -9.41 -13.69 -10.12
CA SER B 74 -9.75 -13.24 -11.46
C SER B 74 -9.21 -11.87 -11.47
N ALA B 75 -7.89 -11.89 -11.48
CA ALA B 75 -6.97 -10.82 -11.43
C ALA B 75 -6.82 -9.91 -12.63
N ASP B 76 -6.13 -8.89 -12.27
CA ASP B 76 -5.69 -8.94 -10.91
C ASP B 76 -6.59 -8.24 -9.96
N LYS B 77 -7.45 -8.94 -9.23
CA LYS B 77 -8.06 -8.25 -8.10
C LYS B 77 -7.05 -8.22 -6.95
N GLY B 78 -6.41 -9.35 -6.71
CA GLY B 78 -5.50 -9.55 -5.58
C GLY B 78 -6.22 -9.81 -4.27
N VAL B 79 -7.55 -9.76 -4.27
CA VAL B 79 -8.37 -10.03 -3.10
C VAL B 79 -9.44 -11.06 -3.41
N LEU B 80 -9.64 -12.03 -2.57
CA LEU B 80 -10.64 -13.06 -2.80
C LEU B 80 -12.06 -12.56 -2.46
N PRO B 81 -13.08 -13.13 -3.11
CA PRO B 81 -14.44 -12.59 -3.06
C PRO B 81 -15.05 -12.49 -1.65
N TRP B 82 -14.85 -13.51 -0.82
CA TRP B 82 -15.41 -13.49 0.53
C TRP B 82 -14.69 -12.44 1.39
N THR B 83 -13.41 -12.26 1.13
CA THR B 83 -12.60 -11.28 1.84
C THR B 83 -13.03 -9.86 1.47
N GLU B 84 -13.13 -9.61 0.17
CA GLU B 84 -13.62 -8.32 -0.31
C GLU B 84 -15.01 -8.02 0.23
N GLU B 85 -15.91 -9.00 0.14
CA GLU B 85 -17.29 -8.82 0.59
C GLU B 85 -17.33 -8.37 2.06
N LYS B 86 -16.53 -9.01 2.91
CA LYS B 86 -16.52 -8.71 4.34
C LYS B 86 -15.92 -7.35 4.61
N ILE B 87 -14.92 -6.97 3.82
CA ILE B 87 -14.32 -5.65 3.93
C ILE B 87 -15.36 -4.59 3.62
N LYS B 88 -16.11 -4.78 2.55
CA LYS B 88 -17.17 -3.86 2.18
C LYS B 88 -18.24 -3.79 3.26
N GLU B 89 -18.58 -4.92 3.87
CA GLU B 89 -19.58 -4.97 4.93
C GLU B 89 -19.10 -4.26 6.19
N LEU B 90 -17.81 -3.95 6.24
CA LEU B 90 -17.26 -3.22 7.37
C LEU B 90 -16.90 -1.80 6.96
N ASN B 91 -17.44 -1.38 5.82
CA ASN B 91 -17.20 -0.04 5.31
C ASN B 91 -15.72 0.27 5.14
N GLY B 92 -14.92 -0.77 4.90
CA GLY B 92 -13.48 -0.62 4.86
C GLY B 92 -12.89 -0.60 3.46
N LYS B 93 -11.56 -0.49 3.40
CA LYS B 93 -10.83 -0.51 2.14
C LYS B 93 -9.71 -1.56 2.20
N ALA B 94 -9.49 -2.25 1.10
CA ALA B 94 -8.44 -3.27 1.06
C ALA B 94 -7.08 -2.64 0.83
N ASN B 95 -6.19 -2.81 1.80
CA ASN B 95 -4.80 -2.38 1.64
CA ASN B 95 -4.80 -2.37 1.66
C ASN B 95 -3.89 -3.59 1.48
N LEU B 96 -3.61 -3.93 0.27
CA LEU B 96 -2.86 -5.13 -0.03
C LEU B 96 -1.34 -4.93 -0.03
N PHE B 97 -0.59 -5.81 0.60
CA PHE B 97 0.85 -5.81 0.47
C PHE B 97 1.19 -6.40 -0.90
N ASP B 98 1.98 -5.68 -1.66
CA ASP B 98 2.41 -6.14 -2.96
C ASP B 98 3.52 -7.12 -2.75
N ASP B 99 3.16 -8.31 -2.29
CA ASP B 99 4.17 -9.27 -1.88
C ASP B 99 4.04 -10.62 -2.59
N LEU B 100 3.57 -10.60 -3.83
CA LEU B 100 3.43 -11.84 -4.59
C LEU B 100 4.76 -12.59 -4.66
N ASP B 101 5.86 -11.83 -4.71
CA ASP B 101 7.19 -12.41 -4.87
C ASP B 101 7.79 -12.91 -3.56
N GLY B 102 7.18 -12.53 -2.44
CA GLY B 102 7.71 -12.86 -1.12
C GLY B 102 7.45 -11.71 -0.16
N LEU B 103 7.80 -11.91 1.11
CA LEU B 103 7.52 -10.88 2.12
C LEU B 103 8.08 -9.52 1.72
N ASN B 104 7.19 -8.52 1.75
CA ASN B 104 7.58 -7.15 1.45
C ASN B 104 7.69 -6.36 2.74
N PHE B 105 8.88 -6.38 3.33
CA PHE B 105 9.08 -5.81 4.66
C PHE B 105 8.79 -4.31 4.71
N GLU B 106 9.16 -3.60 3.67
CA GLU B 106 8.90 -2.20 3.57
C GLU B 106 7.42 -1.89 3.57
N ALA B 107 6.61 -2.68 2.89
CA ALA B 107 5.17 -2.47 2.81
C ALA B 107 4.51 -2.72 4.17
N ILE B 108 4.96 -3.77 4.85
CA ILE B 108 4.45 -4.07 6.19
C ILE B 108 4.79 -2.95 7.17
N SER B 109 6.03 -2.47 7.11
CA SER B 109 6.44 -1.35 7.94
C SER B 109 5.60 -0.11 7.66
N ASN B 110 5.34 0.15 6.38
CA ASN B 110 4.58 1.33 5.98
C ASN B 110 3.12 1.32 6.44
N SER B 111 2.60 0.15 6.78
CA SER B 111 1.23 0.06 7.30
C SER B 111 1.17 0.41 8.78
N LYS B 112 2.33 0.60 9.40
CA LYS B 112 2.42 1.02 10.81
C LYS B 112 1.57 0.17 11.73
N PRO B 113 1.80 -1.16 11.73
CA PRO B 113 1.01 -2.09 12.52
C PRO B 113 1.41 -2.11 13.99
N ASP B 114 0.47 -2.49 14.85
CA ASP B 114 0.76 -2.85 16.26
C ASP B 114 0.90 -4.31 16.49
N VAL B 115 0.54 -5.03 15.46
CA VAL B 115 0.68 -6.46 15.52
C VAL B 115 0.68 -7.02 14.10
N ILE B 116 1.35 -8.15 13.92
CA ILE B 116 1.40 -8.83 12.62
C ILE B 116 0.93 -10.26 12.82
N LEU B 117 -0.17 -10.62 12.18
CA LEU B 117 -0.73 -11.97 12.33
C LEU B 117 -0.12 -12.92 11.31
N ALA B 118 0.52 -13.98 11.80
CA ALA B 118 1.13 -14.98 10.93
C ALA B 118 0.90 -16.40 11.45
N GLY B 119 -0.23 -16.60 12.12
CA GLY B 119 -0.54 -17.89 12.74
C GLY B 119 -0.47 -19.05 11.77
N TYR B 120 -0.91 -18.81 10.54
CA TYR B 120 -0.78 -19.76 9.44
C TYR B 120 0.16 -19.12 8.41
N SER B 121 1.38 -19.65 8.31
CA SER B 121 2.38 -19.05 7.44
C SER B 121 3.62 -19.93 7.35
N GLY B 122 4.59 -19.49 6.56
CA GLY B 122 5.83 -20.25 6.39
C GLY B 122 7.08 -19.47 6.75
N ILE B 123 6.94 -18.47 7.60
CA ILE B 123 8.07 -17.61 7.95
C ILE B 123 9.22 -18.40 8.58
N THR B 124 10.44 -17.94 8.35
CA THR B 124 11.63 -18.53 8.93
C THR B 124 12.05 -17.76 10.17
N LYS B 125 13.09 -18.23 10.85
CA LYS B 125 13.60 -17.52 12.03
C LYS B 125 14.05 -16.12 11.63
N GLU B 126 14.67 -16.02 10.46
CA GLU B 126 15.10 -14.72 9.96
C GLU B 126 13.92 -13.80 9.68
N ASP B 127 12.89 -14.34 9.07
CA ASP B 127 11.69 -13.61 8.80
C ASP B 127 11.09 -13.11 10.09
N TYR B 128 10.98 -13.99 11.06
CA TYR B 128 10.40 -13.65 12.36
C TYR B 128 11.14 -12.51 13.05
N ASP B 129 12.47 -12.55 13.01
CA ASP B 129 13.30 -11.51 13.60
C ASP B 129 13.13 -10.17 12.90
N THR B 130 13.10 -10.19 11.57
CA THR B 130 12.90 -8.97 10.80
C THR B 130 11.51 -8.38 11.04
N LEU B 131 10.50 -9.23 11.03
CA LEU B 131 9.12 -8.79 11.26
C LEU B 131 8.95 -8.24 12.68
N SER B 132 9.62 -8.87 13.64
CA SER B 132 9.47 -8.50 15.05
C SER B 132 10.09 -7.14 15.38
N LYS B 133 10.89 -6.62 14.46
CA LYS B 133 11.44 -5.27 14.60
C LYS B 133 10.40 -4.24 14.19
N ILE B 134 9.40 -4.68 13.42
CA ILE B 134 8.33 -3.81 13.00
C ILE B 134 7.23 -3.81 14.05
N ALA B 135 6.82 -5.01 14.46
CA ALA B 135 5.78 -5.15 15.47
C ALA B 135 5.75 -6.58 16.00
N PRO B 136 5.06 -6.79 17.14
CA PRO B 136 4.92 -8.14 17.70
C PRO B 136 4.29 -9.09 16.69
N VAL B 137 4.81 -10.32 16.62
CA VAL B 137 4.38 -11.29 15.62
C VAL B 137 3.68 -12.50 16.26
N ALA B 138 2.49 -12.83 15.75
CA ALA B 138 1.84 -14.08 16.13
C ALA B 138 2.22 -15.16 15.13
N ALA B 139 3.20 -15.99 15.50
CA ALA B 139 3.70 -17.02 14.60
C ALA B 139 2.99 -18.35 14.83
N TYR B 140 3.25 -19.31 13.95
CA TYR B 140 2.70 -20.66 14.08
C TYR B 140 3.33 -21.41 15.25
N LYS B 141 2.69 -22.49 15.68
CA LYS B 141 3.11 -23.23 16.87
C LYS B 141 4.36 -24.10 16.71
N SER B 142 4.51 -24.76 15.57
CA SER B 142 5.63 -25.68 15.39
C SER B 142 6.32 -25.60 14.03
N LYS B 143 5.57 -25.94 12.98
CA LYS B 143 6.16 -26.08 11.65
C LYS B 143 5.51 -25.15 10.65
N PRO B 144 6.29 -24.67 9.66
CA PRO B 144 5.73 -23.77 8.66
C PRO B 144 4.58 -24.43 7.90
N TRP B 145 3.54 -23.64 7.64
CA TRP B 145 2.36 -24.11 6.90
C TRP B 145 1.63 -25.28 7.58
N GLN B 146 1.96 -25.56 8.84
CA GLN B 146 1.22 -26.59 9.56
C GLN B 146 0.35 -25.96 10.65
N THR B 147 -0.70 -25.27 10.20
CA THR B 147 -1.69 -24.70 11.10
C THR B 147 -3.09 -25.02 10.55
N LEU B 148 -3.88 -25.76 11.31
CA LEU B 148 -5.24 -26.07 10.92
C LEU B 148 -6.13 -24.84 11.15
N TRP B 149 -7.28 -24.77 10.48
CA TRP B 149 -8.08 -23.56 10.50
C TRP B 149 -8.54 -23.14 11.91
N ARG B 150 -8.86 -24.10 12.76
CA ARG B 150 -9.24 -23.79 14.14
C ARG B 150 -8.08 -23.17 14.90
N ASP B 151 -6.90 -23.75 14.75
CA ASP B 151 -5.69 -23.24 15.38
C ASP B 151 -5.29 -21.88 14.83
N MET B 152 -5.54 -21.65 13.55
CA MET B 152 -5.29 -20.35 12.96
C MET B 152 -6.09 -19.29 13.71
N ILE B 153 -7.37 -19.57 13.95
CA ILE B 153 -8.23 -18.66 14.70
C ILE B 153 -7.75 -18.48 16.15
N LYS B 154 -7.45 -19.58 16.83
CA LYS B 154 -6.93 -19.50 18.20
C LYS B 154 -5.71 -18.57 18.28
N ILE B 155 -4.73 -18.84 17.43
CA ILE B 155 -3.48 -18.08 17.47
C ILE B 155 -3.72 -16.61 17.15
N ASP B 156 -4.37 -16.37 16.01
CA ASP B 156 -4.61 -15.01 15.54
C ASP B 156 -5.52 -14.22 16.47
N SER B 157 -6.59 -14.85 16.95
CA SER B 157 -7.53 -14.15 17.82
C SER B 157 -6.90 -13.78 19.16
N LYS B 158 -6.10 -14.68 19.72
CA LYS B 158 -5.41 -14.37 20.97
C LYS B 158 -4.52 -13.14 20.80
N ALA B 159 -3.80 -13.07 19.69
CA ALA B 159 -2.90 -11.95 19.42
C ALA B 159 -3.65 -10.62 19.43
N LEU B 160 -4.93 -10.67 19.08
CA LEU B 160 -5.75 -9.47 19.03
C LEU B 160 -6.38 -9.17 20.38
N GLY B 161 -6.11 -10.01 21.37
CA GLY B 161 -6.71 -9.86 22.69
C GLY B 161 -8.18 -10.23 22.67
N MET B 162 -8.55 -11.10 21.73
CA MET B 162 -9.93 -11.53 21.58
C MET B 162 -10.05 -13.06 21.58
N GLU B 163 -9.38 -13.71 22.48
CA GLU B 163 -9.41 -15.14 22.52
C GLU B 163 -10.82 -15.70 22.70
N LYS B 164 -11.59 -15.11 23.59
CA LYS B 164 -12.98 -15.50 23.79
C LYS B 164 -13.79 -15.39 22.50
N GLU B 165 -13.65 -14.30 21.77
CA GLU B 165 -14.33 -14.07 20.50
C GLU B 165 -13.85 -15.12 19.48
N GLY B 166 -12.59 -15.45 19.55
CA GLY B 166 -12.04 -16.50 18.70
C GLY B 166 -12.70 -17.85 18.94
N ASP B 167 -12.84 -18.23 20.21
CA ASP B 167 -13.49 -19.50 20.55
C ASP B 167 -14.92 -19.50 20.03
N GLU B 168 -15.60 -18.36 20.16
CA GLU B 168 -16.97 -18.20 19.67
C GLU B 168 -16.97 -18.36 18.13
N LEU B 169 -16.05 -17.73 17.45
CA LEU B 169 -15.96 -17.83 16.00
C LEU B 169 -15.80 -19.29 15.55
N ILE B 170 -15.00 -20.04 16.30
CA ILE B 170 -14.80 -21.45 15.99
C ILE B 170 -16.12 -22.22 16.07
N LYS B 171 -16.81 -22.10 17.18
CA LYS B 171 -18.09 -22.76 17.37
C LYS B 171 -19.11 -22.32 16.32
N ASN B 172 -19.10 -21.06 15.98
CA ASN B 172 -19.99 -20.55 14.94
C ASN B 172 -19.66 -21.07 13.54
N THR B 173 -18.38 -21.27 13.27
CA THR B 173 -17.96 -21.82 11.98
C THR B 173 -18.30 -23.31 11.91
N GLU B 174 -18.08 -24.03 13.01
CA GLU B 174 -18.47 -25.43 13.09
C GLU B 174 -19.97 -25.60 12.87
N ALA B 175 -20.75 -24.70 13.46
CA ALA B 175 -22.20 -24.71 13.24
C ALA B 175 -22.51 -24.52 11.76
N ARG B 176 -21.81 -23.60 11.11
CA ARG B 176 -22.03 -23.33 9.69
C ARG B 176 -21.80 -24.59 8.85
N ILE B 177 -20.73 -25.31 9.16
CA ILE B 177 -20.40 -26.55 8.46
C ILE B 177 -21.48 -27.60 8.68
N SER B 178 -21.80 -27.87 9.94
CA SER B 178 -22.84 -28.84 10.28
C SER B 178 -24.18 -28.46 9.65
N LYS B 179 -24.51 -27.18 9.69
CA LYS B 179 -25.73 -26.66 9.08
C LYS B 179 -25.87 -27.06 7.61
N GLU B 180 -24.82 -26.82 6.83
CA GLU B 180 -24.84 -27.15 5.40
C GLU B 180 -25.03 -28.65 5.19
N LEU B 181 -24.27 -29.46 5.91
CA LEU B 181 -24.38 -30.90 5.78
C LEU B 181 -25.80 -31.40 6.07
N GLU B 182 -26.37 -30.96 7.19
CA GLU B 182 -27.72 -31.35 7.58
C GLU B 182 -28.74 -30.96 6.52
N LYS B 183 -28.51 -29.79 5.91
CA LYS B 183 -29.42 -29.24 4.91
C LYS B 183 -29.52 -30.10 3.65
N HIS B 184 -28.44 -30.81 3.32
CA HIS B 184 -28.40 -31.64 2.13
C HIS B 184 -27.95 -33.06 2.47
N PRO B 185 -28.88 -33.86 3.02
CA PRO B 185 -28.58 -35.21 3.50
C PRO B 185 -28.07 -36.15 2.40
N GLU B 186 -28.41 -35.87 1.15
CA GLU B 186 -27.98 -36.73 0.07
C GLU B 186 -26.51 -36.51 -0.30
N ILE B 187 -26.05 -35.26 -0.20
CA ILE B 187 -24.63 -34.98 -0.38
C ILE B 187 -23.86 -35.50 0.84
N LYS B 188 -24.42 -35.29 2.04
CA LYS B 188 -23.78 -35.73 3.28
C LYS B 188 -23.61 -37.23 3.28
N GLY B 189 -24.66 -37.90 2.85
CA GLY B 189 -24.63 -39.35 2.79
C GLY B 189 -23.63 -39.89 1.77
N LYS B 190 -23.42 -39.15 0.70
CA LYS B 190 -22.51 -39.59 -0.36
C LYS B 190 -21.04 -39.53 0.04
N ILE B 191 -20.67 -38.53 0.83
CA ILE B 191 -19.26 -38.31 1.16
C ILE B 191 -18.83 -38.94 2.49
N LYS B 192 -19.79 -39.16 3.37
CA LYS B 192 -19.50 -39.62 4.73
C LYS B 192 -18.67 -40.92 4.75
N GLY B 193 -17.55 -40.88 5.46
CA GLY B 193 -16.71 -42.06 5.65
C GLY B 193 -15.85 -42.44 4.46
N LYS B 194 -15.99 -41.71 3.37
CA LYS B 194 -15.16 -41.95 2.19
C LYS B 194 -13.71 -41.62 2.48
N LYS B 195 -12.81 -42.52 2.14
CA LYS B 195 -11.38 -42.31 2.36
C LYS B 195 -10.82 -41.43 1.23
N VAL B 196 -10.23 -40.31 1.60
CA VAL B 196 -9.82 -39.32 0.62
C VAL B 196 -8.36 -38.88 0.77
N LEU B 197 -7.78 -38.45 -0.34
CA LEU B 197 -6.47 -37.80 -0.35
C LEU B 197 -6.54 -36.54 -1.19
N PHE B 198 -6.02 -35.45 -0.65
CA PHE B 198 -5.88 -34.22 -1.42
C PHE B 198 -4.49 -34.22 -2.05
N THR B 199 -4.43 -34.07 -3.36
CA THR B 199 -3.16 -34.13 -4.08
C THR B 199 -2.93 -32.87 -4.92
N MET B 200 -1.68 -32.65 -5.29
CA MET B 200 -1.38 -31.68 -6.35
C MET B 200 -0.67 -32.44 -7.47
N ILE B 201 -1.26 -32.34 -8.66
CA ILE B 201 -0.75 -33.04 -9.83
C ILE B 201 -0.44 -32.04 -10.93
N ASN B 202 0.80 -32.04 -11.40
CA ASN B 202 1.18 -31.21 -12.51
C ASN B 202 0.81 -31.89 -13.81
N ALA B 203 -0.04 -31.25 -14.60
CA ALA B 203 -0.50 -31.83 -15.85
C ALA B 203 0.65 -31.99 -16.83
N ALA B 204 1.71 -31.22 -16.63
CA ALA B 204 2.86 -31.23 -17.53
C ALA B 204 3.91 -32.26 -17.12
N ASP B 205 3.78 -32.78 -15.90
CA ASP B 205 4.71 -33.80 -15.42
C ASP B 205 4.03 -34.71 -14.39
N THR B 206 3.53 -35.85 -14.86
CA THR B 206 2.82 -36.77 -14.00
C THR B 206 3.73 -37.87 -13.46
N SER B 207 5.03 -37.77 -13.73
CA SER B 207 5.98 -38.77 -13.25
C SER B 207 6.15 -38.69 -11.73
N LYS B 208 5.71 -37.57 -11.17
CA LYS B 208 5.68 -37.40 -9.71
C LYS B 208 4.53 -36.48 -9.33
N PHE B 209 4.06 -36.58 -8.09
CA PHE B 209 3.00 -35.70 -7.62
C PHE B 209 3.01 -35.55 -6.10
N TRP B 210 2.19 -34.63 -5.60
CA TRP B 210 2.17 -34.29 -4.19
C TRP B 210 0.93 -34.84 -3.49
N ILE B 211 1.11 -35.27 -2.25
CA ILE B 211 0.00 -35.64 -1.39
C ILE B 211 0.06 -34.77 -0.13
N TYR B 212 -1.03 -34.13 0.22
CA TYR B 212 -1.06 -33.30 1.43
C TYR B 212 -1.32 -34.16 2.67
N THR B 213 -0.61 -33.85 3.76
CA THR B 213 -0.70 -34.65 4.97
C THR B 213 -1.82 -34.16 5.89
N SER B 214 -2.08 -34.93 6.95
CA SER B 214 -3.16 -34.59 7.88
C SER B 214 -2.86 -33.30 8.63
N LYS B 215 -1.61 -32.85 8.59
CA LYS B 215 -1.20 -31.61 9.26
C LYS B 215 -1.51 -30.37 8.41
N ASP B 216 -1.78 -30.58 7.12
CA ASP B 216 -2.12 -29.48 6.23
C ASP B 216 -3.61 -29.18 6.34
N PRO B 217 -3.97 -27.89 6.42
CA PRO B 217 -5.34 -27.48 6.68
C PRO B 217 -6.33 -27.83 5.56
N ARG B 218 -5.85 -27.94 4.33
CA ARG B 218 -6.76 -28.27 3.23
C ARG B 218 -7.15 -29.75 3.28
N ALA B 219 -6.17 -30.58 3.68
CA ALA B 219 -6.43 -32.01 3.89
C ALA B 219 -7.35 -32.20 5.08
N ASN B 220 -7.02 -31.54 6.18
CA ASN B 220 -7.76 -31.73 7.44
C ASN B 220 -9.20 -31.22 7.37
N TYR B 221 -9.42 -30.15 6.62
CA TYR B 221 -10.76 -29.59 6.40
C TYR B 221 -11.71 -30.67 5.87
N LEU B 222 -11.17 -31.60 5.11
CA LEU B 222 -11.97 -32.69 4.56
C LEU B 222 -12.62 -33.54 5.66
N THR B 223 -11.92 -33.70 6.77
CA THR B 223 -12.45 -34.49 7.88
C THR B 223 -13.59 -33.75 8.60
N ASP B 224 -13.62 -32.43 8.46
CA ASP B 224 -14.71 -31.63 9.02
C ASP B 224 -15.97 -31.85 8.19
N LEU B 225 -15.78 -32.23 6.94
CA LEU B 225 -16.90 -32.45 6.03
C LEU B 225 -17.38 -33.89 6.05
N GLY B 226 -16.67 -34.75 6.78
CA GLY B 226 -17.09 -36.13 6.96
C GLY B 226 -16.23 -37.20 6.29
N LEU B 227 -15.27 -36.77 5.48
CA LEU B 227 -14.33 -37.68 4.86
C LEU B 227 -13.30 -38.13 5.90
N VAL B 228 -12.61 -39.23 5.62
CA VAL B 228 -11.53 -39.72 6.47
C VAL B 228 -10.31 -40.07 5.63
N PHE B 229 -9.15 -40.21 6.26
CA PHE B 229 -7.91 -40.52 5.55
C PHE B 229 -7.63 -42.03 5.51
N PRO B 230 -7.13 -42.53 4.37
CA PRO B 230 -6.78 -43.94 4.26
C PRO B 230 -5.50 -44.25 5.04
N GLU B 231 -5.29 -45.53 5.34
CA GLU B 231 -4.11 -45.95 6.09
C GLU B 231 -2.81 -45.53 5.40
N SER B 232 -2.81 -45.58 4.07
CA SER B 232 -1.61 -45.24 3.30
C SER B 232 -1.02 -43.88 3.67
N LEU B 233 -1.86 -42.98 4.18
CA LEU B 233 -1.41 -41.61 4.47
C LEU B 233 -0.39 -41.53 5.60
N LYS B 234 -0.40 -42.51 6.50
CA LYS B 234 0.51 -42.49 7.64
C LYS B 234 1.97 -42.53 7.20
N GLU B 235 2.27 -43.33 6.18
CA GLU B 235 3.64 -43.40 5.67
C GLU B 235 4.16 -42.02 5.31
N PHE B 236 3.38 -41.31 4.50
CA PHE B 236 3.80 -40.00 4.00
C PHE B 236 3.80 -38.95 5.10
N GLU B 237 3.38 -39.31 6.28
CA GLU B 237 3.41 -38.39 7.42
C GLU B 237 4.85 -38.12 7.91
N SER B 238 5.73 -39.08 7.71
CA SER B 238 7.06 -39.15 8.31
C SER B 238 7.94 -37.97 7.89
N GLU B 239 7.51 -37.30 6.85
CA GLU B 239 8.04 -36.05 6.34
C GLU B 239 8.00 -35.01 7.46
N ASP B 240 6.94 -34.99 8.25
CA ASP B 240 6.80 -33.87 9.18
C ASP B 240 6.74 -32.58 8.38
N SER B 241 6.11 -32.66 7.21
CA SER B 241 5.90 -31.50 6.34
C SER B 241 4.40 -31.41 6.07
N PHE B 242 3.99 -30.38 5.35
CA PHE B 242 2.56 -30.23 5.04
C PHE B 242 2.20 -31.02 3.78
N ALA B 243 3.22 -31.49 3.07
CA ALA B 243 3.01 -32.26 1.86
C ALA B 243 4.20 -33.19 1.59
N LYS B 244 3.95 -34.27 0.87
CA LYS B 244 4.98 -35.23 0.51
C LYS B 244 4.93 -35.49 -1.00
N GLU B 245 6.08 -35.41 -1.65
CA GLU B 245 6.13 -35.68 -3.08
C GLU B 245 6.55 -37.13 -3.34
N ILE B 246 5.71 -37.87 -4.05
CA ILE B 246 6.02 -39.26 -4.36
C ILE B 246 6.08 -39.54 -5.86
N SER B 247 6.74 -40.64 -6.21
CA SER B 247 6.90 -41.04 -7.60
C SER B 247 5.67 -41.76 -8.12
N ALA B 248 5.30 -41.49 -9.38
CA ALA B 248 4.20 -42.19 -10.01
C ALA B 248 4.42 -43.69 -9.97
N GLU B 249 5.68 -44.09 -9.91
CA GLU B 249 6.03 -45.50 -9.79
C GLU B 249 5.57 -46.07 -8.44
N GLU B 250 5.23 -45.20 -7.50
CA GLU B 250 4.73 -45.62 -6.19
C GLU B 250 3.22 -45.48 -6.08
N ALA B 251 2.54 -45.20 -7.18
CA ALA B 251 1.15 -44.84 -7.22
C ALA B 251 0.28 -45.88 -6.54
N ASN B 252 0.65 -47.12 -6.70
CA ASN B 252 -0.10 -48.22 -6.13
C ASN B 252 -0.38 -48.04 -4.65
N LYS B 253 0.53 -47.39 -3.93
CA LYS B 253 0.39 -47.20 -2.50
C LYS B 253 -0.91 -46.50 -2.09
N ILE B 254 -1.50 -45.72 -3.00
CA ILE B 254 -2.72 -45.00 -2.65
C ILE B 254 -3.98 -45.62 -3.24
N ASN B 255 -3.87 -46.89 -3.62
CA ASN B 255 -5.02 -47.65 -4.11
C ASN B 255 -6.10 -47.84 -3.05
N ASP B 256 -5.79 -47.49 -1.80
CA ASP B 256 -6.75 -47.68 -0.72
C ASP B 256 -7.66 -46.47 -0.54
N ALA B 257 -7.40 -45.40 -1.30
CA ALA B 257 -8.25 -44.24 -1.29
C ALA B 257 -9.53 -44.48 -2.09
N ASP B 258 -10.66 -44.00 -1.59
CA ASP B 258 -11.93 -44.08 -2.31
C ASP B 258 -12.05 -42.94 -3.30
N VAL B 259 -11.56 -41.78 -2.90
CA VAL B 259 -11.69 -40.58 -3.71
C VAL B 259 -10.43 -39.72 -3.62
N ILE B 260 -10.15 -38.99 -4.69
CA ILE B 260 -8.97 -38.15 -4.76
C ILE B 260 -9.35 -36.73 -5.13
N ILE B 261 -8.75 -35.77 -4.44
CA ILE B 261 -8.97 -34.38 -4.75
C ILE B 261 -7.69 -33.76 -5.29
N THR B 262 -7.81 -32.98 -6.35
CA THR B 262 -6.67 -32.32 -6.96
C THR B 262 -7.11 -31.03 -7.66
N TYR B 263 -6.21 -30.06 -7.72
CA TYR B 263 -6.43 -28.88 -8.56
C TYR B 263 -6.29 -29.31 -10.02
N GLY B 264 -6.98 -28.62 -10.91
CA GLY B 264 -6.89 -28.93 -12.33
C GLY B 264 -7.94 -28.21 -13.16
N ASP B 265 -8.37 -28.79 -14.24
CA ASP B 265 -9.28 -28.19 -15.21
C ASP B 265 -10.06 -29.26 -15.97
N ASP B 266 -10.68 -28.84 -17.07
CA ASP B 266 -11.63 -29.66 -17.82
C ASP B 266 -11.07 -30.98 -18.35
N LYS B 267 -9.78 -31.05 -18.57
CA LYS B 267 -9.19 -32.25 -19.18
C LYS B 267 -8.33 -33.06 -18.22
N THR B 268 -8.30 -32.65 -16.95
CA THR B 268 -7.49 -33.30 -15.93
C THR B 268 -7.87 -34.77 -15.70
N LEU B 269 -9.17 -35.02 -15.47
CA LEU B 269 -9.62 -36.38 -15.22
C LEU B 269 -9.30 -37.30 -16.40
N GLU B 270 -9.64 -36.83 -17.60
CA GLU B 270 -9.35 -37.56 -18.83
C GLU B 270 -7.88 -37.93 -18.92
N ALA B 271 -7.03 -36.93 -18.75
CA ALA B 271 -5.58 -37.13 -18.80
C ALA B 271 -5.14 -38.16 -17.76
N LEU B 272 -5.69 -38.05 -16.56
CA LEU B 272 -5.30 -38.95 -15.49
C LEU B 272 -5.70 -40.39 -15.79
N GLN B 273 -6.92 -40.58 -16.29
CA GLN B 273 -7.43 -41.91 -16.58
C GLN B 273 -6.67 -42.59 -17.73
N LYS B 274 -6.03 -41.79 -18.57
CA LYS B 274 -5.28 -42.29 -19.71
C LYS B 274 -3.80 -42.43 -19.41
N ASP B 275 -3.38 -41.93 -18.24
CA ASP B 275 -1.99 -42.01 -17.82
C ASP B 275 -1.58 -43.45 -17.52
N PRO B 276 -0.51 -43.93 -18.15
CA PRO B 276 -0.11 -45.32 -18.03
C PRO B 276 0.17 -45.77 -16.60
N LEU B 277 0.51 -44.83 -15.72
CA LEU B 277 0.77 -45.16 -14.32
C LEU B 277 -0.37 -44.73 -13.39
N LEU B 278 -0.68 -43.44 -13.38
CA LEU B 278 -1.71 -42.91 -12.51
C LEU B 278 -3.10 -43.44 -12.88
N GLY B 279 -3.26 -43.86 -14.13
CA GLY B 279 -4.54 -44.39 -14.61
C GLY B 279 -4.93 -45.70 -13.95
N LYS B 280 -3.96 -46.36 -13.31
CA LYS B 280 -4.20 -47.65 -12.66
C LYS B 280 -4.71 -47.49 -11.23
N ILE B 281 -4.56 -46.32 -10.64
CA ILE B 281 -4.99 -46.06 -9.28
C ILE B 281 -6.51 -46.20 -9.17
N ASN B 282 -6.98 -46.94 -8.22
CA ASN B 282 -8.41 -47.25 -8.08
C ASN B 282 -9.34 -46.05 -8.22
N ALA B 283 -9.13 -45.03 -7.38
CA ALA B 283 -9.97 -43.85 -7.37
C ALA B 283 -10.00 -43.15 -8.73
N ILE B 284 -8.85 -43.11 -9.39
CA ILE B 284 -8.75 -42.47 -10.70
C ILE B 284 -9.46 -43.28 -11.77
N LYS B 285 -9.22 -44.59 -11.76
CA LYS B 285 -9.90 -45.51 -12.68
C LYS B 285 -11.41 -45.47 -12.48
N ASN B 286 -11.86 -45.24 -11.25
CA ASN B 286 -13.28 -45.17 -10.95
C ASN B 286 -13.92 -43.84 -11.31
N GLY B 287 -13.11 -42.85 -11.64
CA GLY B 287 -13.60 -41.51 -11.90
C GLY B 287 -13.93 -40.78 -10.61
N ALA B 288 -13.48 -41.33 -9.49
CA ALA B 288 -13.73 -40.72 -8.19
C ALA B 288 -12.69 -39.65 -7.90
N VAL B 289 -12.72 -38.60 -8.72
CA VAL B 289 -11.77 -37.51 -8.58
C VAL B 289 -12.52 -36.19 -8.56
N ALA B 290 -12.34 -35.41 -7.52
CA ALA B 290 -12.89 -34.06 -7.46
C ALA B 290 -11.84 -33.10 -8.00
N VAL B 291 -12.12 -32.50 -9.15
CA VAL B 291 -11.19 -31.55 -9.74
C VAL B 291 -11.60 -30.12 -9.41
N ILE B 292 -10.76 -29.45 -8.61
CA ILE B 292 -10.99 -28.05 -8.26
C ILE B 292 -10.39 -27.15 -9.33
N PRO B 293 -11.24 -26.38 -10.03
CA PRO B 293 -10.74 -25.49 -11.07
C PRO B 293 -9.58 -24.64 -10.55
N ASP B 294 -8.38 -24.91 -11.05
N ASP B 294 -8.37 -24.93 -11.02
CA ASP B 294 -7.17 -24.24 -10.60
CA ASP B 294 -7.21 -24.24 -10.48
C ASP B 294 -7.27 -22.73 -10.77
C ASP B 294 -7.25 -22.75 -10.76
N ASN B 295 -6.66 -21.98 -9.85
CA ASN B 295 -6.66 -20.52 -9.94
C ASN B 295 -8.03 -19.88 -9.97
N THR B 296 -9.03 -20.57 -9.42
CA THR B 296 -10.34 -19.95 -9.19
C THR B 296 -10.49 -19.70 -7.70
N PRO B 297 -11.43 -18.85 -7.31
CA PRO B 297 -11.62 -18.61 -5.88
C PRO B 297 -11.82 -19.92 -5.11
N LEU B 298 -12.51 -20.87 -5.73
CA LEU B 298 -12.79 -22.15 -5.09
C LEU B 298 -11.51 -22.92 -4.77
N ALA B 299 -10.56 -22.90 -5.70
CA ALA B 299 -9.27 -23.54 -5.44
C ALA B 299 -8.62 -22.92 -4.21
N ALA B 300 -8.68 -21.60 -4.10
CA ALA B 300 -8.06 -20.87 -3.01
C ALA B 300 -8.72 -21.14 -1.66
N SER B 301 -10.01 -21.47 -1.69
CA SER B 301 -10.80 -21.70 -0.48
C SER B 301 -10.50 -23.03 0.19
N CYS B 302 -9.78 -23.91 -0.52
CA CYS B 302 -9.52 -25.25 -0.02
C CYS B 302 -8.73 -25.23 1.29
N THR B 303 -7.91 -24.21 1.47
CA THR B 303 -7.34 -23.88 2.78
C THR B 303 -8.34 -22.92 3.40
N PRO B 304 -9.20 -23.43 4.28
CA PRO B 304 -10.40 -22.70 4.71
C PRO B 304 -10.16 -21.61 5.74
N THR B 305 -11.04 -20.61 5.71
CA THR B 305 -11.12 -19.58 6.72
C THR B 305 -12.60 -19.47 7.11
N PRO B 306 -12.89 -18.80 8.24
CA PRO B 306 -14.28 -18.60 8.60
C PRO B 306 -15.09 -17.96 7.47
N LEU B 307 -14.48 -17.04 6.73
CA LEU B 307 -15.18 -16.35 5.64
C LEU B 307 -15.30 -17.19 4.37
N SER B 308 -14.24 -17.92 4.01
CA SER B 308 -14.26 -18.75 2.81
C SER B 308 -15.25 -19.91 2.95
N ILE B 309 -15.35 -20.45 4.16
CA ILE B 309 -16.25 -21.58 4.42
C ILE B 309 -17.70 -21.20 4.13
N ASN B 310 -18.15 -20.11 4.74
CA ASN B 310 -19.49 -19.61 4.50
C ASN B 310 -19.76 -19.41 3.01
N TYR B 311 -18.76 -18.87 2.32
CA TYR B 311 -18.92 -18.47 0.92
C TYR B 311 -18.94 -19.65 -0.05
N THR B 312 -18.21 -20.72 0.25
CA THR B 312 -17.95 -21.75 -0.75
C THR B 312 -18.46 -23.15 -0.40
N ILE B 313 -18.82 -23.37 0.86
CA ILE B 313 -19.06 -24.74 1.31
C ILE B 313 -20.09 -25.52 0.48
N GLU B 314 -21.17 -24.88 0.08
CA GLU B 314 -22.16 -25.62 -0.70
C GLU B 314 -21.61 -26.02 -2.07
N GLU B 315 -20.89 -25.09 -2.69
CA GLU B 315 -20.23 -25.39 -3.96
C GLU B 315 -19.20 -26.51 -3.77
N TYR B 316 -18.43 -26.44 -2.70
CA TYR B 316 -17.40 -27.44 -2.42
C TYR B 316 -18.01 -28.82 -2.20
N LEU B 317 -19.03 -28.88 -1.33
CA LEU B 317 -19.72 -30.14 -1.05
C LEU B 317 -20.30 -30.79 -2.30
N ASN B 318 -20.87 -29.97 -3.18
CA ASN B 318 -21.48 -30.50 -4.40
C ASN B 318 -20.43 -31.13 -5.30
N LEU B 319 -19.26 -30.52 -5.33
CA LEU B 319 -18.15 -31.05 -6.10
C LEU B 319 -17.66 -32.35 -5.47
N LEU B 320 -17.50 -32.35 -4.15
CA LEU B 320 -17.06 -33.53 -3.43
C LEU B 320 -18.08 -34.65 -3.57
N GLY B 321 -19.36 -34.29 -3.41
CA GLY B 321 -20.44 -35.26 -3.50
C GLY B 321 -20.51 -35.94 -4.86
N ASN B 322 -20.33 -35.17 -5.92
CA ASN B 322 -20.36 -35.73 -7.27
C ASN B 322 -19.23 -36.72 -7.50
N ALA B 323 -18.04 -36.41 -7.00
CA ALA B 323 -16.90 -37.31 -7.15
C ALA B 323 -17.08 -38.58 -6.31
N CYS B 324 -17.60 -38.42 -5.09
CA CYS B 324 -17.77 -39.55 -4.19
C CYS B 324 -18.80 -40.58 -4.68
N LYS B 325 -19.78 -40.12 -5.43
CA LYS B 325 -20.78 -41.01 -5.99
C LYS B 325 -20.11 -42.00 -6.95
N ASN B 326 -18.93 -41.64 -7.44
CA ASN B 326 -18.20 -42.47 -8.39
C ASN B 326 -17.31 -43.51 -7.72
N ALA B 327 -17.12 -43.38 -6.41
CA ALA B 327 -16.34 -44.36 -5.68
C ALA B 327 -17.08 -45.69 -5.68
N LYS B 328 -16.35 -46.79 -5.89
CA LYS B 328 -16.99 -48.10 -5.86
C LYS B 328 -17.69 -48.27 -4.52
#